data_5N71
#
_entry.id   5N71
#
_cell.length_a   98.156
_cell.length_b   98.156
_cell.length_c   90.795
_cell.angle_alpha   90.00
_cell.angle_beta   90.00
_cell.angle_gamma   90.00
#
_symmetry.space_group_name_H-M   'P 41 21 2'
#
loop_
_entity.id
_entity.type
_entity.pdbx_description
1 polymer 'Putative cathepsin d'
2 non-polymer 'SULFATE ION'
3 non-polymer DI(HYDROXYETHYL)ETHER
4 water water
#
_entity_poly.entity_id   1
_entity_poly.type   'polypeptide(L)'
_entity_poly.pdbx_seq_one_letter_code
;IHEGPYPEPLVNLLDVVYYGPISIGTPPQDFQVIFDTGSANLWLPSSKCTTKYCLHHHRYDSSKSSTYEADGRNFTIVYG
SGNVEGFISKDVCRIGSAKVSGQPLGEALVVGGESLLEAPFDGILGLAYPSIAVDGVVPVFDNMMKQGLLGEQNVFSVYL
NRDPSSKEGGEVLFGGIDHDHYKGSITYVPVTAKGYWQFHVDGVKSVSASKSAPELLCKDGCEAIANTGTSLITGPPEEV
DSLNQYLGGTKTEGGQYLLDCDKLESLPNVTFTISGKEFSLRSKDYVLKVNQQGQTLCVSGFMGLEMPQPLWILGDVFLG
PYYTIFDRDQDRVGFAEVAHHHHHH
;
_entity_poly.pdbx_strand_id   A
#
loop_
_chem_comp.id
_chem_comp.type
_chem_comp.name
_chem_comp.formula
PEG non-polymer DI(HYDROXYETHYL)ETHER 'C4 H10 O3'
SO4 non-polymer 'SULFATE ION' 'O4 S -2'
#
# COMPACT_ATOMS: atom_id res chain seq x y z
N GLU A 3 0.45 -20.99 14.43
CA GLU A 3 -1.06 -20.94 14.46
C GLU A 3 -1.60 -19.72 13.70
N GLY A 4 -1.62 -18.56 14.38
CA GLY A 4 -2.19 -17.31 13.85
C GLY A 4 -3.70 -17.35 14.01
N PRO A 5 -4.44 -16.39 13.44
CA PRO A 5 -3.96 -15.19 12.69
C PRO A 5 -3.22 -14.21 13.57
N TYR A 6 -2.49 -13.28 12.93
CA TYR A 6 -1.66 -12.30 13.63
C TYR A 6 -2.11 -10.89 13.24
N PRO A 7 -2.81 -10.20 14.17
CA PRO A 7 -3.20 -8.81 13.95
C PRO A 7 -2.02 -7.86 14.02
N GLU A 8 -1.79 -7.11 12.95
CA GLU A 8 -0.77 -6.07 12.96
C GLU A 8 -1.44 -4.68 12.99
N PRO A 9 -1.23 -3.92 14.08
CA PRO A 9 -1.92 -2.61 14.18
C PRO A 9 -1.15 -1.54 13.45
N LEU A 10 -1.86 -0.66 12.76
CA LEU A 10 -1.23 0.40 11.93
C LEU A 10 -1.50 1.75 12.50
N VAL A 11 -0.56 2.67 12.28
CA VAL A 11 -0.74 4.10 12.55
C VAL A 11 -1.08 4.78 11.25
N ASN A 12 -1.97 5.78 11.33
CA ASN A 12 -2.38 6.60 10.18
C ASN A 12 -1.79 7.98 10.37
N LEU A 13 -1.01 8.46 9.39
CA LEU A 13 -0.56 9.85 9.36
C LEU A 13 -1.30 10.61 8.24
N LEU A 14 -2.26 11.44 8.66
CA LEU A 14 -2.92 12.40 7.76
C LEU A 14 -3.60 11.77 6.55
N ASP A 15 -4.05 10.52 6.69
CA ASP A 15 -4.64 9.78 5.56
C ASP A 15 -3.73 9.55 4.32
N VAL A 16 -2.42 9.79 4.45
CA VAL A 16 -1.50 9.56 3.32
C VAL A 16 -0.39 8.55 3.55
N VAL A 17 -0.07 8.21 4.80
CA VAL A 17 0.78 7.05 5.07
C VAL A 17 0.31 6.25 6.28
N TYR A 18 0.36 4.93 6.14
CA TYR A 18 0.04 3.96 7.18
C TYR A 18 1.28 3.08 7.37
N TYR A 19 1.62 2.81 8.63
CA TYR A 19 2.75 1.99 9.01
C TYR A 19 2.53 1.28 10.32
N GLY A 20 3.29 0.21 10.57
CA GLY A 20 3.24 -0.46 11.87
C GLY A 20 4.49 -1.21 12.31
N PRO A 21 4.49 -1.70 13.56
CA PRO A 21 5.70 -2.22 14.17
C PRO A 21 6.13 -3.63 13.72
N ILE A 22 7.44 -3.85 13.61
CA ILE A 22 7.98 -5.20 13.51
C ILE A 22 9.24 -5.21 14.35
N SER A 23 9.77 -6.39 14.60
CA SER A 23 11.13 -6.48 15.15
C SER A 23 12.02 -7.43 14.35
N ILE A 24 13.31 -7.20 14.46
CA ILE A 24 14.32 -8.05 13.82
C ILE A 24 15.36 -8.48 14.87
N GLY A 25 15.77 -9.74 14.84
CA GLY A 25 16.93 -10.20 15.61
C GLY A 25 16.64 -10.61 17.03
N THR A 26 17.71 -11.02 17.72
CA THR A 26 17.64 -11.65 19.05
C THR A 26 18.78 -11.03 19.91
N PRO A 27 18.47 -10.19 20.88
CA PRO A 27 17.08 -9.82 21.27
C PRO A 27 16.44 -8.86 20.26
N PRO A 28 15.09 -8.70 20.30
CA PRO A 28 14.39 -7.89 19.29
C PRO A 28 14.90 -6.46 19.17
N GLN A 29 15.12 -6.00 17.93
CA GLN A 29 15.40 -4.63 17.61
C GLN A 29 14.15 -4.13 16.90
N ASP A 30 13.59 -3.01 17.38
CA ASP A 30 12.28 -2.52 16.92
C ASP A 30 12.28 -1.53 15.74
N PHE A 31 11.32 -1.66 14.84
CA PHE A 31 11.19 -0.74 13.71
C PHE A 31 9.73 -0.46 13.40
N GLN A 32 9.53 0.58 12.62
CA GLN A 32 8.28 0.86 11.98
C GLN A 32 8.43 0.71 10.45
N VAL A 33 7.48 0.02 9.82
CA VAL A 33 7.47 -0.16 8.34
C VAL A 33 6.13 0.06 7.69
N ILE A 34 6.16 0.42 6.41
CA ILE A 34 4.97 0.42 5.61
C ILE A 34 4.77 -0.96 5.01
N PHE A 35 3.56 -1.50 5.14
CA PHE A 35 3.17 -2.77 4.54
C PHE A 35 2.66 -2.48 3.13
N ASP A 36 3.51 -2.81 2.13
CA ASP A 36 3.35 -2.34 0.75
C ASP A 36 3.02 -3.46 -0.21
N THR A 37 1.76 -3.54 -0.67
CA THR A 37 1.35 -4.59 -1.60
C THR A 37 1.84 -4.33 -3.02
N GLY A 38 2.48 -3.18 -3.25
CA GLY A 38 3.09 -2.86 -4.53
C GLY A 38 4.55 -3.26 -4.72
N SER A 39 5.22 -3.82 -3.72
CA SER A 39 6.62 -4.30 -3.85
C SER A 39 6.78 -5.57 -3.02
N ALA A 40 7.95 -6.24 -3.12
CA ALA A 40 8.09 -7.56 -2.47
C ALA A 40 9.37 -7.74 -1.65
N ASN A 41 10.12 -6.65 -1.43
CA ASN A 41 11.36 -6.69 -0.62
C ASN A 41 11.12 -6.08 0.78
N LEU A 42 11.88 -6.59 1.77
CA LEU A 42 12.00 -5.99 3.08
C LEU A 42 13.37 -5.30 3.18
N TRP A 43 13.39 -4.04 3.66
CA TRP A 43 14.66 -3.40 4.01
C TRP A 43 14.47 -2.43 5.17
N LEU A 44 15.59 -2.15 5.85
CA LEU A 44 15.66 -1.22 6.97
C LEU A 44 17.00 -0.50 6.95
N PRO A 45 17.11 0.67 7.64
CA PRO A 45 18.39 1.35 7.76
C PRO A 45 19.46 0.54 8.50
N SER A 46 20.69 0.52 7.98
CA SER A 46 21.79 -0.24 8.62
C SER A 46 22.48 0.58 9.71
N SER A 47 22.92 -0.06 10.76
CA SER A 47 23.88 0.58 11.72
C SER A 47 25.22 0.92 11.08
N LYS A 48 25.53 0.29 9.95
CA LYS A 48 26.69 0.70 9.17
C LYS A 48 26.54 2.03 8.46
N CYS A 49 25.33 2.61 8.44
CA CYS A 49 25.07 3.86 7.77
C CYS A 49 25.04 4.97 8.85
N THR A 50 25.69 6.10 8.53
CA THR A 50 25.70 7.27 9.45
C THR A 50 25.28 8.54 8.72
N THR A 51 24.47 8.41 7.67
CA THR A 51 23.89 9.58 7.06
C THR A 51 22.85 10.17 8.03
N LYS A 52 22.42 11.39 7.72
CA LYS A 52 21.39 12.11 8.47
C LYS A 52 20.13 11.25 8.51
N TYR A 53 19.75 10.80 7.32
CA TYR A 53 18.60 9.94 7.15
C TYR A 53 18.66 8.78 8.13
N CYS A 54 19.81 8.07 8.20
CA CYS A 54 19.91 6.85 9.00
C CYS A 54 19.91 7.18 10.47
N LEU A 55 20.62 8.24 10.81
CA LEU A 55 20.68 8.65 12.21
C LEU A 55 19.32 9.16 12.70
N HIS A 56 18.44 9.65 11.81
CA HIS A 56 17.07 10.03 12.22
C HIS A 56 16.06 8.85 12.31
N HIS A 57 16.51 7.61 12.15
CA HIS A 57 15.59 6.46 12.04
C HIS A 57 16.12 5.34 12.92
N HIS A 58 15.34 4.29 13.12
CA HIS A 58 15.80 3.12 13.83
C HIS A 58 16.74 2.35 12.88
N ARG A 59 17.82 1.79 13.41
CA ARG A 59 18.86 1.12 12.59
C ARG A 59 19.06 -0.32 13.05
N TYR A 60 19.32 -1.22 12.11
CA TYR A 60 19.58 -2.62 12.41
C TYR A 60 21.09 -2.86 12.59
N ASP A 61 21.47 -3.41 13.74
CA ASP A 61 22.84 -3.74 14.12
C ASP A 61 23.00 -5.23 14.23
N SER A 62 23.50 -5.82 13.14
CA SER A 62 23.73 -7.29 13.09
C SER A 62 24.64 -7.82 14.21
N SER A 63 25.65 -7.02 14.61
CA SER A 63 26.56 -7.44 15.69
C SER A 63 25.89 -7.68 17.05
N LYS A 64 24.69 -7.16 17.24
CA LYS A 64 23.95 -7.38 18.48
C LYS A 64 22.90 -8.47 18.45
N SER A 65 22.75 -9.14 17.31
CA SER A 65 21.77 -10.18 17.19
C SER A 65 22.44 -11.56 17.14
N SER A 66 22.06 -12.42 18.08
CA SER A 66 22.63 -13.74 18.12
C SER A 66 22.09 -14.65 16.99
N THR A 67 21.01 -14.24 16.27
CA THR A 67 20.46 -15.05 15.18
C THR A 67 20.78 -14.51 13.77
N TYR A 68 21.56 -13.44 13.70
CA TYR A 68 22.05 -12.89 12.42
C TYR A 68 22.85 -13.90 11.65
N GLU A 69 22.64 -13.94 10.35
CA GLU A 69 23.52 -14.66 9.45
C GLU A 69 23.90 -13.73 8.31
N ALA A 70 25.20 -13.65 8.04
CA ALA A 70 25.67 -12.83 6.94
C ALA A 70 25.25 -13.38 5.59
N ASP A 71 25.09 -12.47 4.64
CA ASP A 71 24.95 -12.84 3.24
C ASP A 71 25.88 -11.98 2.42
N GLY A 72 25.58 -10.68 2.38
CA GLY A 72 26.42 -9.72 1.66
C GLY A 72 26.19 -9.48 0.19
N ARG A 73 25.26 -10.20 -0.44
CA ARG A 73 24.91 -9.87 -1.79
C ARG A 73 24.38 -8.42 -1.86
N ASN A 74 24.60 -7.81 -3.01
CA ASN A 74 24.14 -6.46 -3.22
C ASN A 74 22.62 -6.38 -3.22
N PHE A 75 22.13 -5.29 -2.64
CA PHE A 75 20.72 -4.88 -2.66
C PHE A 75 20.59 -3.52 -3.33
N THR A 76 19.83 -3.47 -4.41
CA THR A 76 19.48 -2.23 -5.09
C THR A 76 18.05 -2.31 -5.60
N ILE A 77 17.24 -1.35 -5.18
CA ILE A 77 15.85 -1.24 -5.63
C ILE A 77 15.52 0.21 -5.92
N VAL A 78 14.64 0.40 -6.92
CA VAL A 78 14.12 1.71 -7.33
C VAL A 78 12.59 1.65 -7.30
N TYR A 79 11.99 2.55 -6.55
CA TYR A 79 10.55 2.71 -6.54
C TYR A 79 10.18 3.92 -7.40
N GLY A 80 8.90 4.27 -7.41
CA GLY A 80 8.47 5.48 -8.11
C GLY A 80 9.04 6.72 -7.43
N SER A 81 8.98 6.74 -6.09
CA SER A 81 9.30 7.95 -5.30
C SER A 81 10.65 7.88 -4.56
N GLY A 82 11.54 6.99 -5.00
CA GLY A 82 12.78 6.77 -4.27
C GLY A 82 13.59 5.57 -4.71
N ASN A 83 14.71 5.39 -4.05
CA ASN A 83 15.61 4.28 -4.36
C ASN A 83 16.39 3.95 -3.12
N VAL A 84 16.82 2.70 -3.03
CA VAL A 84 17.67 2.34 -1.92
C VAL A 84 18.76 1.37 -2.35
N GLU A 85 19.92 1.50 -1.71
CA GLU A 85 21.07 0.64 -2.01
C GLU A 85 21.66 0.17 -0.70
N GLY A 86 22.14 -1.07 -0.68
CA GLY A 86 22.86 -1.62 0.46
C GLY A 86 23.28 -3.07 0.25
N PHE A 87 23.08 -3.93 1.24
CA PHE A 87 23.44 -5.35 1.08
C PHE A 87 22.46 -6.20 1.85
N ILE A 88 22.39 -7.50 1.52
CA ILE A 88 21.54 -8.46 2.21
C ILE A 88 22.12 -9.09 3.48
N SER A 89 21.28 -9.19 4.51
CA SER A 89 21.52 -10.02 5.71
C SER A 89 20.26 -10.85 6.00
N LYS A 90 20.37 -11.86 6.88
CA LYS A 90 19.27 -12.71 7.28
C LYS A 90 19.17 -12.73 8.79
N ASP A 91 17.93 -12.70 9.29
CA ASP A 91 17.70 -12.75 10.72
C ASP A 91 16.23 -13.07 10.95
N VAL A 92 15.87 -13.28 12.21
CA VAL A 92 14.49 -13.48 12.61
CA VAL A 92 14.49 -13.50 12.58
C VAL A 92 13.68 -12.21 12.44
N CYS A 93 12.47 -12.32 11.88
CA CYS A 93 11.57 -11.17 11.65
C CYS A 93 10.27 -11.45 12.42
N ARG A 94 9.82 -10.54 13.27
CA ARG A 94 8.63 -10.76 14.08
C ARG A 94 7.53 -9.80 13.73
N ILE A 95 6.31 -10.34 13.56
CA ILE A 95 5.11 -9.57 13.35
C ILE A 95 4.09 -10.07 14.35
N GLY A 96 3.70 -9.23 15.31
CA GLY A 96 2.93 -9.76 16.45
C GLY A 96 3.61 -10.99 17.04
N SER A 97 2.86 -12.08 17.22
CA SER A 97 3.43 -13.31 17.79
C SER A 97 4.05 -14.21 16.72
N ALA A 98 4.05 -13.80 15.46
CA ALA A 98 4.66 -14.63 14.42
C ALA A 98 6.19 -14.39 14.43
N LYS A 99 6.93 -15.47 14.28
CA LYS A 99 8.39 -15.41 14.26
C LYS A 99 8.83 -16.05 12.95
N VAL A 100 9.29 -15.24 12.03
CA VAL A 100 9.74 -15.75 10.74
C VAL A 100 11.23 -15.98 10.81
N SER A 101 11.66 -17.23 10.84
CA SER A 101 13.08 -17.53 10.96
CA SER A 101 13.08 -17.56 10.95
C SER A 101 13.80 -17.30 9.63
N GLY A 102 15.05 -16.88 9.71
CA GLY A 102 15.95 -16.75 8.55
C GLY A 102 15.44 -15.88 7.40
N GLN A 103 14.80 -14.77 7.74
CA GLN A 103 14.20 -13.87 6.74
C GLN A 103 15.27 -12.95 6.15
N PRO A 104 15.44 -12.93 4.81
CA PRO A 104 16.41 -11.95 4.30
C PRO A 104 15.88 -10.55 4.28
N LEU A 105 16.73 -9.59 4.60
CA LEU A 105 16.39 -8.16 4.48
C LEU A 105 17.53 -7.41 3.86
N GLY A 106 17.19 -6.30 3.22
CA GLY A 106 18.17 -5.30 2.82
C GLY A 106 18.61 -4.40 3.99
N GLU A 107 19.92 -4.30 4.22
CA GLU A 107 20.53 -3.31 5.12
C GLU A 107 20.86 -2.07 4.30
N ALA A 108 20.10 -0.99 4.51
CA ALA A 108 20.21 0.19 3.65
C ALA A 108 21.41 1.06 4.05
N LEU A 109 22.19 1.42 3.03
CA LEU A 109 23.30 2.37 3.16
C LEU A 109 23.03 3.68 2.47
N VAL A 110 22.42 3.66 1.28
CA VAL A 110 22.10 4.87 0.49
C VAL A 110 20.59 4.89 0.22
N VAL A 111 19.93 5.99 0.57
CA VAL A 111 18.49 6.18 0.30
C VAL A 111 18.30 7.50 -0.43
N GLY A 112 17.54 7.49 -1.53
CA GLY A 112 17.09 8.69 -2.25
C GLY A 112 15.57 8.83 -2.29
N GLY A 113 15.11 10.07 -2.43
CA GLY A 113 13.68 10.33 -2.66
C GLY A 113 13.02 10.85 -1.42
N GLU A 114 12.33 11.99 -1.55
CA GLU A 114 11.82 12.71 -0.37
C GLU A 114 10.78 11.89 0.41
N SER A 115 9.95 11.18 -0.34
CA SER A 115 9.02 10.18 0.20
C SER A 115 9.65 9.22 1.18
N LEU A 116 10.87 8.77 0.92
CA LEU A 116 11.56 7.88 1.87
C LEU A 116 12.33 8.63 2.95
N LEU A 117 13.07 9.65 2.50
CA LEU A 117 13.93 10.43 3.38
C LEU A 117 13.16 11.11 4.51
N GLU A 118 12.00 11.65 4.18
CA GLU A 118 11.13 12.30 5.18
C GLU A 118 10.16 11.35 5.88
N ALA A 119 10.11 10.06 5.50
CA ALA A 119 9.06 9.19 5.97
C ALA A 119 9.09 9.03 7.47
N PRO A 120 7.92 8.84 8.08
CA PRO A 120 7.91 8.46 9.51
C PRO A 120 8.27 6.99 9.77
N PHE A 121 8.36 6.18 8.71
CA PHE A 121 8.66 4.75 8.85
C PHE A 121 10.17 4.58 8.58
N ASP A 122 10.74 3.50 9.09
CA ASP A 122 12.15 3.14 8.93
C ASP A 122 12.39 2.43 7.58
N GLY A 123 11.43 1.63 7.15
CA GLY A 123 11.56 0.87 5.92
C GLY A 123 10.28 0.34 5.34
N ILE A 124 10.42 -0.55 4.37
CA ILE A 124 9.30 -1.10 3.59
C ILE A 124 9.32 -2.61 3.79
N LEU A 125 8.15 -3.18 4.04
CA LEU A 125 7.92 -4.64 4.05
C LEU A 125 6.98 -4.96 2.87
N GLY A 126 7.54 -5.43 1.76
CA GLY A 126 6.75 -5.74 0.61
C GLY A 126 5.89 -6.99 0.75
N LEU A 127 4.64 -6.89 0.29
CA LEU A 127 3.62 -7.94 0.34
C LEU A 127 3.11 -8.37 -1.04
N ALA A 128 3.79 -7.93 -2.10
CA ALA A 128 3.48 -8.38 -3.44
C ALA A 128 3.96 -9.84 -3.70
N TYR A 129 3.61 -10.38 -4.85
CA TYR A 129 4.05 -11.74 -5.26
C TYR A 129 5.59 -11.82 -5.42
N PRO A 130 6.15 -13.03 -5.30
CA PRO A 130 7.61 -13.19 -5.31
C PRO A 130 8.26 -12.93 -6.69
N SER A 131 7.46 -12.94 -7.76
CA SER A 131 7.98 -12.64 -9.09
C SER A 131 8.61 -11.25 -9.22
N ILE A 132 8.16 -10.28 -8.42
CA ILE A 132 8.68 -8.93 -8.48
C ILE A 132 9.64 -8.59 -7.34
N ALA A 133 10.07 -9.59 -6.59
CA ALA A 133 11.20 -9.35 -5.64
C ALA A 133 12.48 -9.16 -6.41
N VAL A 134 13.31 -8.22 -6.00
CA VAL A 134 14.66 -8.10 -6.60
C VAL A 134 15.73 -8.78 -5.76
N ASP A 135 16.82 -9.16 -6.44
CA ASP A 135 18.04 -9.68 -5.79
C ASP A 135 17.98 -11.08 -5.17
N GLY A 136 16.97 -11.86 -5.53
CA GLY A 136 17.01 -13.29 -5.26
C GLY A 136 16.58 -13.65 -3.85
N VAL A 137 15.89 -12.73 -3.15
CA VAL A 137 15.51 -12.94 -1.75
C VAL A 137 13.99 -13.14 -1.64
N VAL A 138 13.59 -14.07 -0.79
CA VAL A 138 12.21 -14.51 -0.68
C VAL A 138 11.43 -13.52 0.21
N PRO A 139 10.23 -13.06 -0.22
CA PRO A 139 9.47 -12.11 0.57
C PRO A 139 9.00 -12.67 1.91
N VAL A 140 8.69 -11.76 2.83
CA VAL A 140 8.23 -12.13 4.18
C VAL A 140 7.01 -13.06 4.21
N PHE A 141 5.94 -12.70 3.51
CA PHE A 141 4.75 -13.56 3.50
C PHE A 141 5.01 -14.93 2.88
N ASP A 142 5.84 -15.00 1.85
CA ASP A 142 6.21 -16.29 1.28
C ASP A 142 6.91 -17.16 2.29
N ASN A 143 7.83 -16.58 3.04
CA ASN A 143 8.51 -17.32 4.13
CA ASN A 143 8.52 -17.26 4.17
C ASN A 143 7.53 -17.72 5.26
N MET A 144 6.54 -16.87 5.55
CA MET A 144 5.51 -17.26 6.53
C MET A 144 4.76 -18.50 6.04
N MET A 145 4.43 -18.53 4.74
CA MET A 145 3.73 -19.65 4.13
CA MET A 145 3.73 -19.65 4.11
C MET A 145 4.59 -20.92 4.15
N LYS A 146 5.85 -20.79 3.75
CA LYS A 146 6.79 -21.92 3.78
C LYS A 146 6.95 -22.52 5.18
N GLN A 147 6.95 -21.67 6.19
CA GLN A 147 7.04 -22.11 7.56
C GLN A 147 5.70 -22.54 8.17
N GLY A 148 4.64 -22.53 7.38
CA GLY A 148 3.29 -22.93 7.85
C GLY A 148 2.69 -22.04 8.92
N LEU A 149 3.07 -20.77 8.97
CA LEU A 149 2.66 -19.93 10.13
C LEU A 149 1.21 -19.48 10.04
N LEU A 150 0.61 -19.60 8.86
CA LEU A 150 -0.79 -19.17 8.67
C LEU A 150 -1.78 -20.35 8.70
N GLY A 151 -1.34 -21.52 9.16
CA GLY A 151 -2.21 -22.73 9.13
C GLY A 151 -2.57 -23.06 7.72
N GLU A 152 -3.87 -23.23 7.45
CA GLU A 152 -4.32 -23.47 6.11
C GLU A 152 -4.99 -22.26 5.41
N GLN A 153 -4.86 -21.04 5.96
CA GLN A 153 -5.47 -19.86 5.36
C GLN A 153 -4.40 -18.82 5.03
N ASN A 154 -3.78 -18.98 3.87
CA ASN A 154 -2.69 -18.13 3.43
C ASN A 154 -3.26 -16.87 2.77
N VAL A 155 -3.85 -16.03 3.61
CA VAL A 155 -4.38 -14.73 3.17
C VAL A 155 -3.91 -13.67 4.13
N PHE A 156 -4.00 -12.40 3.72
CA PHE A 156 -3.94 -11.28 4.64
C PHE A 156 -4.99 -10.24 4.20
N SER A 157 -5.56 -9.54 5.16
CA SER A 157 -6.69 -8.63 4.96
C SER A 157 -6.35 -7.27 5.55
N VAL A 158 -6.66 -6.22 4.80
CA VAL A 158 -6.23 -4.86 5.16
C VAL A 158 -7.39 -3.93 5.39
N TYR A 159 -7.38 -3.35 6.58
CA TYR A 159 -8.33 -2.34 7.02
C TYR A 159 -7.57 -1.04 7.20
N LEU A 160 -8.05 -0.01 6.53
CA LEU A 160 -7.50 1.34 6.68
C LEU A 160 -8.61 2.31 7.11
N ASN A 161 -8.36 2.98 8.24
CA ASN A 161 -9.25 3.98 8.80
C ASN A 161 -8.98 5.30 8.06
N ARG A 162 -10.04 5.90 7.51
CA ARG A 162 -9.91 7.20 6.79
C ARG A 162 -10.27 8.42 7.64
N ASP A 163 -10.39 8.22 8.94
CA ASP A 163 -10.46 9.33 9.87
C ASP A 163 -9.24 9.39 10.76
N PRO A 164 -8.35 10.36 10.48
CA PRO A 164 -7.06 10.42 11.22
C PRO A 164 -7.12 10.76 12.71
N SER A 165 -8.25 11.25 13.21
CA SER A 165 -8.37 11.56 14.63
C SER A 165 -8.64 10.32 15.48
N SER A 166 -9.12 9.23 14.87
CA SER A 166 -9.30 7.94 15.59
C SER A 166 -8.04 7.44 16.21
N LYS A 167 -8.19 6.57 17.21
CA LYS A 167 -7.01 6.01 17.86
C LYS A 167 -6.43 4.78 17.11
N GLU A 168 -7.26 4.13 16.32
CA GLU A 168 -6.91 2.94 15.54
C GLU A 168 -6.72 3.37 14.06
N GLY A 169 -5.46 3.36 13.58
CA GLY A 169 -5.18 3.73 12.21
C GLY A 169 -5.59 2.72 11.19
N GLY A 170 -5.56 1.45 11.57
CA GLY A 170 -5.83 0.37 10.63
C GLY A 170 -5.26 -0.94 11.13
N GLU A 171 -5.36 -1.95 10.26
CA GLU A 171 -4.90 -3.31 10.59
C GLU A 171 -4.47 -4.07 9.35
N VAL A 172 -3.35 -4.79 9.45
CA VAL A 172 -3.10 -5.90 8.56
C VAL A 172 -3.32 -7.21 9.36
N LEU A 173 -4.23 -8.06 8.90
CA LEU A 173 -4.48 -9.35 9.59
C LEU A 173 -3.86 -10.47 8.80
N PHE A 174 -2.77 -10.99 9.32
CA PHE A 174 -1.99 -12.03 8.64
C PHE A 174 -2.64 -13.38 8.95
N GLY A 175 -3.16 -14.06 7.93
CA GLY A 175 -3.77 -15.37 8.07
C GLY A 175 -5.27 -15.35 8.37
N GLY A 176 -5.91 -14.19 8.28
CA GLY A 176 -7.34 -14.13 8.55
C GLY A 176 -8.09 -13.02 7.86
N ILE A 177 -9.41 -13.09 8.04
CA ILE A 177 -10.37 -12.10 7.52
C ILE A 177 -11.24 -11.75 8.72
N ASP A 178 -11.43 -10.45 8.97
CA ASP A 178 -12.17 -9.99 10.12
C ASP A 178 -13.47 -9.29 9.66
N HIS A 179 -14.60 -9.96 9.89
CA HIS A 179 -15.94 -9.43 9.57
C HIS A 179 -16.33 -8.19 10.39
N ASP A 180 -15.62 -7.88 11.46
CA ASP A 180 -15.88 -6.64 12.16
C ASP A 180 -15.28 -5.40 11.44
N HIS A 181 -14.64 -5.61 10.29
CA HIS A 181 -14.20 -4.48 9.44
C HIS A 181 -14.97 -4.35 8.15
N TYR A 182 -16.02 -5.14 7.93
CA TYR A 182 -16.82 -4.99 6.72
C TYR A 182 -18.30 -5.36 6.89
N LYS A 183 -19.12 -4.90 5.94
CA LYS A 183 -20.56 -5.26 5.90
C LYS A 183 -20.93 -5.81 4.56
N GLY A 184 -22.06 -6.53 4.52
CA GLY A 184 -22.44 -7.29 3.34
C GLY A 184 -21.54 -8.48 3.11
N SER A 185 -21.26 -8.80 1.86
CA SER A 185 -20.36 -9.89 1.59
C SER A 185 -19.20 -9.46 0.67
N ILE A 186 -18.18 -10.31 0.63
CA ILE A 186 -16.96 -10.02 -0.10
C ILE A 186 -17.25 -10.41 -1.52
N THR A 187 -16.80 -9.55 -2.43
CA THR A 187 -16.77 -9.86 -3.86
C THR A 187 -15.32 -10.14 -4.23
N TYR A 188 -15.07 -11.32 -4.81
CA TYR A 188 -13.72 -11.69 -5.25
C TYR A 188 -13.52 -11.48 -6.75
N VAL A 189 -12.28 -11.20 -7.14
CA VAL A 189 -11.88 -11.08 -8.54
C VAL A 189 -10.53 -11.82 -8.68
N PRO A 190 -10.37 -12.63 -9.74
CA PRO A 190 -9.11 -13.33 -9.90
C PRO A 190 -7.92 -12.41 -10.30
N VAL A 191 -6.73 -12.79 -9.83
CA VAL A 191 -5.49 -12.09 -10.14
C VAL A 191 -5.13 -12.47 -11.57
N THR A 192 -4.87 -11.48 -12.41
CA THR A 192 -4.64 -11.73 -13.82
C THR A 192 -3.17 -11.89 -14.17
N ALA A 193 -2.31 -11.28 -13.36
CA ALA A 193 -0.86 -11.43 -13.47
C ALA A 193 -0.29 -11.38 -12.05
N LYS A 194 0.37 -12.45 -11.65
CA LYS A 194 0.89 -12.61 -10.31
C LYS A 194 2.22 -11.91 -10.15
N GLY A 195 2.12 -10.62 -9.82
CA GLY A 195 3.26 -9.77 -9.55
C GLY A 195 2.83 -8.71 -8.55
N TYR A 196 2.25 -7.62 -9.09
CA TYR A 196 1.36 -6.78 -8.27
C TYR A 196 0.13 -7.63 -7.98
N TRP A 197 -0.71 -7.15 -7.06
CA TRP A 197 -2.04 -7.72 -6.88
C TRP A 197 -2.97 -7.14 -7.93
N GLN A 198 -2.87 -7.71 -9.12
CA GLN A 198 -3.44 -7.13 -10.34
C GLN A 198 -4.67 -7.90 -10.82
N PHE A 199 -5.68 -7.16 -11.31
CA PHE A 199 -6.94 -7.79 -11.74
C PHE A 199 -7.66 -6.98 -12.83
N HIS A 200 -8.70 -7.56 -13.41
CA HIS A 200 -9.50 -6.91 -14.44
C HIS A 200 -10.57 -6.03 -13.79
N VAL A 201 -10.75 -4.84 -14.37
CA VAL A 201 -11.83 -3.88 -14.05
C VAL A 201 -12.72 -3.78 -15.31
N ASP A 202 -14.04 -3.80 -15.12
CA ASP A 202 -15.00 -3.75 -16.25
C ASP A 202 -15.22 -2.35 -16.80
N GLY A 203 -15.24 -1.38 -15.92
CA GLY A 203 -15.49 -0.01 -16.34
C GLY A 203 -15.24 0.94 -15.22
N VAL A 204 -15.07 2.21 -15.56
CA VAL A 204 -14.98 3.30 -14.61
C VAL A 204 -15.88 4.42 -15.11
N LYS A 205 -16.77 4.92 -14.26
CA LYS A 205 -17.68 5.99 -14.69
C LYS A 205 -18.01 7.02 -13.62
N SER A 206 -18.55 8.13 -14.06
CA SER A 206 -19.12 9.15 -13.17
C SER A 206 -20.25 9.83 -13.92
N VAL A 207 -21.38 10.04 -13.21
CA VAL A 207 -22.59 10.63 -13.80
C VAL A 207 -22.98 11.84 -12.97
N SER A 208 -22.64 13.01 -13.52
CA SER A 208 -22.91 14.29 -12.91
C SER A 208 -24.33 14.73 -13.26
N ALA A 209 -24.98 15.37 -12.30
CA ALA A 209 -26.28 16.01 -12.49
C ALA A 209 -26.16 17.29 -13.34
N SER A 210 -25.12 18.09 -13.08
CA SER A 210 -24.90 19.35 -13.79
C SER A 210 -24.21 19.24 -15.17
N LYS A 211 -24.11 18.05 -15.76
CA LYS A 211 -23.64 17.90 -17.15
C LYS A 211 -24.62 17.10 -17.94
N SER A 212 -24.53 17.22 -19.26
CA SER A 212 -25.48 16.60 -20.18
C SER A 212 -25.11 15.15 -20.48
N ALA A 213 -23.81 14.85 -20.47
CA ALA A 213 -23.29 13.51 -20.75
C ALA A 213 -22.58 12.89 -19.52
N PRO A 214 -22.70 11.56 -19.35
CA PRO A 214 -21.90 10.87 -18.32
C PRO A 214 -20.41 10.80 -18.72
N GLU A 215 -19.54 10.60 -17.74
CA GLU A 215 -18.12 10.36 -17.97
C GLU A 215 -17.86 8.85 -17.98
N LEU A 216 -17.56 8.30 -19.15
CA LEU A 216 -17.41 6.89 -19.35
C LEU A 216 -15.96 6.50 -19.73
N LEU A 217 -15.26 5.85 -18.80
CA LEU A 217 -13.82 5.49 -18.97
C LEU A 217 -13.63 3.98 -18.86
N CYS A 218 -12.47 3.46 -19.27
CA CYS A 218 -12.20 2.01 -19.20
C CYS A 218 -13.34 1.24 -19.94
N LYS A 219 -13.69 1.78 -21.10
CA LYS A 219 -14.90 1.37 -21.83
C LYS A 219 -14.95 -0.10 -22.23
N ASP A 220 -13.84 -0.62 -22.71
CA ASP A 220 -13.76 -2.05 -23.07
C ASP A 220 -13.07 -2.88 -21.96
N GLY A 221 -13.02 -2.37 -20.75
CA GLY A 221 -12.35 -3.03 -19.63
C GLY A 221 -10.88 -2.66 -19.61
N CYS A 222 -10.24 -2.85 -18.46
CA CYS A 222 -8.88 -2.43 -18.19
C CYS A 222 -8.32 -3.24 -17.00
N GLU A 223 -7.12 -2.87 -16.54
CA GLU A 223 -6.47 -3.52 -15.41
C GLU A 223 -6.16 -2.57 -14.29
N ALA A 224 -6.23 -3.11 -13.09
CA ALA A 224 -5.96 -2.35 -11.90
C ALA A 224 -5.13 -3.16 -10.92
N ILE A 225 -4.55 -2.45 -9.95
CA ILE A 225 -3.85 -3.09 -8.83
C ILE A 225 -4.33 -2.48 -7.49
N ALA A 226 -4.29 -3.29 -6.46
CA ALA A 226 -4.57 -2.83 -5.08
C ALA A 226 -3.22 -2.61 -4.43
N ASN A 227 -2.86 -1.34 -4.17
CA ASN A 227 -1.57 -0.98 -3.67
C ASN A 227 -1.64 -0.18 -2.39
N THR A 228 -1.42 -0.87 -1.27
CA THR A 228 -1.38 -0.26 0.06
C THR A 228 -0.23 0.72 0.28
N GLY A 229 0.78 0.70 -0.60
CA GLY A 229 1.94 1.51 -0.44
C GLY A 229 1.85 2.92 -1.03
N THR A 230 0.66 3.34 -1.46
CA THR A 230 0.49 4.65 -2.02
C THR A 230 -0.87 5.27 -1.60
N SER A 231 -0.90 6.62 -1.54
CA SER A 231 -2.01 7.38 -0.97
C SER A 231 -3.23 7.51 -1.83
N LEU A 232 -3.03 7.80 -3.14
CA LEU A 232 -4.09 8.22 -4.03
C LEU A 232 -4.52 7.14 -5.00
N ILE A 233 -5.42 7.48 -5.89
CA ILE A 233 -5.73 6.64 -7.04
C ILE A 233 -5.01 7.22 -8.26
N THR A 234 -4.20 6.39 -8.91
CA THR A 234 -3.53 6.79 -10.12
C THR A 234 -4.24 6.10 -11.28
N GLY A 235 -4.31 6.76 -12.44
CA GLY A 235 -4.89 6.18 -13.64
C GLY A 235 -4.11 6.53 -14.89
N PRO A 236 -4.47 5.91 -16.02
CA PRO A 236 -3.87 6.26 -17.30
C PRO A 236 -4.03 7.79 -17.52
N PRO A 237 -2.98 8.49 -17.95
CA PRO A 237 -3.02 9.95 -17.86
C PRO A 237 -4.14 10.64 -18.60
N GLU A 238 -4.46 10.19 -19.81
CA GLU A 238 -5.55 10.82 -20.58
C GLU A 238 -6.90 10.66 -19.91
N GLU A 239 -7.12 9.48 -19.34
CA GLU A 239 -8.42 9.16 -18.75
C GLU A 239 -8.60 9.81 -17.39
N VAL A 240 -7.57 9.77 -16.54
CA VAL A 240 -7.63 10.40 -15.22
C VAL A 240 -7.71 11.95 -15.34
N ASP A 241 -7.00 12.54 -16.30
CA ASP A 241 -7.17 13.96 -16.61
C ASP A 241 -8.61 14.29 -17.05
N SER A 242 -9.18 13.49 -17.94
CA SER A 242 -10.57 13.69 -18.35
C SER A 242 -11.54 13.61 -17.16
N LEU A 243 -11.28 12.69 -16.22
CA LEU A 243 -12.11 12.51 -15.06
C LEU A 243 -12.00 13.74 -14.18
N ASN A 244 -10.77 14.17 -13.89
CA ASN A 244 -10.55 15.37 -13.08
C ASN A 244 -11.17 16.65 -13.69
N GLN A 245 -11.13 16.73 -15.02
CA GLN A 245 -11.83 17.82 -15.73
C GLN A 245 -13.35 17.74 -15.59
N TYR A 246 -13.90 16.55 -15.75
CA TYR A 246 -15.32 16.31 -15.59
C TYR A 246 -15.77 16.71 -14.19
N LEU A 247 -14.90 16.51 -13.18
CA LEU A 247 -15.19 16.93 -11.81
C LEU A 247 -15.03 18.44 -11.53
N GLY A 248 -14.51 19.21 -12.48
CA GLY A 248 -14.37 20.67 -12.29
C GLY A 248 -13.05 21.07 -11.68
N GLY A 249 -12.10 20.13 -11.64
CA GLY A 249 -10.79 20.44 -11.08
C GLY A 249 -10.00 21.34 -12.02
N THR A 250 -9.02 22.05 -11.46
CA THR A 250 -7.97 22.76 -12.20
C THR A 250 -6.57 22.23 -11.82
N LYS A 251 -5.77 21.84 -12.83
CA LYS A 251 -4.40 21.32 -12.67
C LYS A 251 -3.51 22.39 -12.06
N THR A 252 -2.93 22.10 -10.89
CA THR A 252 -2.22 23.11 -10.11
C THR A 252 -1.35 22.45 -9.04
N GLU A 253 -0.03 22.43 -9.22
CA GLU A 253 0.65 22.55 -10.51
C GLU A 253 1.24 21.19 -10.77
N GLY A 254 2.20 20.76 -9.94
CA GLY A 254 2.85 19.46 -10.09
C GLY A 254 1.99 18.22 -9.87
N GLY A 255 1.15 17.87 -10.86
CA GLY A 255 0.43 16.59 -10.90
C GLY A 255 -0.97 16.52 -10.27
N GLN A 256 -1.17 17.21 -9.14
CA GLN A 256 -2.42 17.16 -8.39
C GLN A 256 -3.41 18.26 -8.81
N TYR A 257 -4.70 17.92 -8.89
CA TYR A 257 -5.78 18.87 -9.16
C TYR A 257 -6.43 19.35 -7.87
N LEU A 258 -6.90 20.60 -7.89
CA LEU A 258 -7.58 21.22 -6.75
C LEU A 258 -9.06 21.39 -7.03
N LEU A 259 -9.86 21.31 -5.97
CA LEU A 259 -11.33 21.44 -6.09
C LEU A 259 -11.79 22.51 -5.12
N ASP A 260 -12.96 23.07 -5.42
CA ASP A 260 -13.60 24.08 -4.55
C ASP A 260 -14.22 23.48 -3.29
N CYS A 261 -13.73 23.92 -2.14
CA CYS A 261 -14.08 23.37 -0.85
C CYS A 261 -15.49 23.69 -0.34
N ASP A 262 -16.22 24.51 -1.08
CA ASP A 262 -17.64 24.82 -0.81
C ASP A 262 -18.56 23.93 -1.64
N LYS A 263 -18.25 23.79 -2.93
CA LYS A 263 -19.11 23.11 -3.89
C LYS A 263 -18.93 21.56 -3.93
N LEU A 264 -18.61 20.96 -2.79
CA LEU A 264 -18.36 19.52 -2.69
C LEU A 264 -19.62 18.66 -2.69
N GLU A 265 -20.75 19.25 -2.27
CA GLU A 265 -22.02 18.51 -2.10
C GLU A 265 -22.50 17.98 -3.44
N SER A 266 -22.29 18.78 -4.48
CA SER A 266 -22.77 18.46 -5.82
C SER A 266 -21.82 17.52 -6.62
N LEU A 267 -20.63 17.23 -6.12
CA LEU A 267 -19.67 16.37 -6.87
C LEU A 267 -20.24 14.97 -7.04
N PRO A 268 -20.21 14.43 -8.26
CA PRO A 268 -20.76 13.11 -8.45
C PRO A 268 -19.86 11.98 -7.88
N ASN A 269 -20.45 10.79 -7.70
CA ASN A 269 -19.71 9.61 -7.24
C ASN A 269 -18.83 9.16 -8.40
N VAL A 270 -17.73 8.47 -8.08
CA VAL A 270 -16.92 7.80 -9.11
C VAL A 270 -17.01 6.29 -8.89
N THR A 271 -17.32 5.54 -9.94
CA THR A 271 -17.66 4.13 -9.80
C THR A 271 -16.76 3.19 -10.61
N PHE A 272 -16.16 2.24 -9.89
CA PHE A 272 -15.38 1.16 -10.48
C PHE A 272 -16.24 -0.08 -10.52
N THR A 273 -16.43 -0.68 -11.69
CA THR A 273 -17.12 -1.97 -11.78
C THR A 273 -16.13 -3.17 -11.84
N ILE A 274 -16.24 -4.07 -10.85
CA ILE A 274 -15.29 -5.15 -10.62
C ILE A 274 -16.10 -6.42 -10.40
N SER A 275 -15.79 -7.46 -11.17
CA SER A 275 -16.57 -8.69 -11.20
C SER A 275 -18.06 -8.38 -11.39
N GLY A 276 -18.35 -7.41 -12.26
CA GLY A 276 -19.72 -6.97 -12.52
C GLY A 276 -20.46 -6.26 -11.38
N LYS A 277 -19.79 -5.96 -10.28
CA LYS A 277 -20.38 -5.24 -9.17
C LYS A 277 -19.84 -3.82 -9.12
N GLU A 278 -20.69 -2.87 -8.76
CA GLU A 278 -20.26 -1.44 -8.67
C GLU A 278 -19.68 -1.17 -7.35
N PHE A 279 -18.49 -0.55 -7.35
CA PHE A 279 -17.85 -0.05 -6.18
C PHE A 279 -17.68 1.44 -6.29
N SER A 280 -18.52 2.16 -5.57
CA SER A 280 -18.67 3.58 -5.77
C SER A 280 -17.88 4.35 -4.69
N LEU A 281 -17.19 5.39 -5.10
CA LEU A 281 -16.56 6.33 -4.22
C LEU A 281 -17.34 7.61 -4.22
N ARG A 282 -17.73 8.04 -3.02
CA ARG A 282 -18.35 9.38 -2.84
C ARG A 282 -17.31 10.47 -2.68
N SER A 283 -17.74 11.73 -2.80
CA SER A 283 -16.77 12.83 -2.70
C SER A 283 -16.16 12.85 -1.29
N LYS A 284 -16.91 12.41 -0.28
CA LYS A 284 -16.34 12.27 1.06
C LYS A 284 -15.14 11.28 1.08
N ASP A 285 -15.21 10.26 0.23
CA ASP A 285 -14.10 9.27 0.08
C ASP A 285 -12.90 9.82 -0.73
N TYR A 286 -13.17 10.51 -1.83
CA TYR A 286 -12.11 10.85 -2.78
C TYR A 286 -11.51 12.24 -2.70
N VAL A 287 -12.08 13.12 -1.87
CA VAL A 287 -11.54 14.44 -1.64
C VAL A 287 -10.63 14.41 -0.43
N LEU A 288 -9.38 14.83 -0.62
CA LEU A 288 -8.39 14.86 0.44
C LEU A 288 -8.21 16.31 0.92
N LYS A 289 -8.25 16.50 2.25
CA LYS A 289 -8.16 17.82 2.88
C LYS A 289 -6.73 18.06 3.38
N VAL A 290 -6.14 19.19 2.97
CA VAL A 290 -4.72 19.50 3.24
C VAL A 290 -4.54 20.95 3.68
N ASN A 291 -3.58 21.19 4.58
CA ASN A 291 -3.31 22.53 5.15
C ASN A 291 -1.98 23.18 4.68
N GLN A 292 -1.65 23.00 3.41
CA GLN A 292 -0.33 23.34 2.87
C GLN A 292 -0.26 24.78 2.34
N GLN A 293 0.53 25.62 3.03
CA GLN A 293 0.79 27.05 2.71
C GLN A 293 -0.14 28.05 3.46
N GLY A 294 -0.54 27.69 4.69
CA GLY A 294 -1.37 28.56 5.55
C GLY A 294 -2.74 27.99 5.87
N GLN A 295 -3.70 28.18 4.95
CA GLN A 295 -5.11 27.78 5.12
C GLN A 295 -5.38 26.29 4.71
N THR A 296 -6.45 26.00 3.95
CA THR A 296 -6.95 24.62 3.75
C THR A 296 -7.47 24.35 2.32
N LEU A 297 -6.99 23.24 1.72
CA LEU A 297 -7.31 22.88 0.33
C LEU A 297 -8.05 21.53 0.17
N CYS A 298 -8.67 21.36 -0.99
CA CYS A 298 -9.41 20.16 -1.34
C CYS A 298 -8.82 19.49 -2.58
N VAL A 299 -8.03 18.45 -2.35
CA VAL A 299 -7.27 17.81 -3.42
C VAL A 299 -8.11 16.66 -3.98
N SER A 300 -8.16 16.53 -5.29
CA SER A 300 -8.70 15.32 -5.90
C SER A 300 -7.80 14.11 -5.54
N GLY A 301 -8.41 12.99 -5.16
CA GLY A 301 -7.66 11.78 -4.90
C GLY A 301 -7.34 10.97 -6.15
N PHE A 302 -7.61 11.56 -7.33
CA PHE A 302 -7.28 10.97 -8.62
C PHE A 302 -6.15 11.76 -9.25
N MET A 303 -5.13 11.05 -9.74
CA MET A 303 -3.95 11.73 -10.32
C MET A 303 -3.31 10.92 -11.45
N GLY A 304 -2.55 11.60 -12.30
CA GLY A 304 -1.83 10.97 -13.44
C GLY A 304 -0.34 11.17 -13.22
N LEU A 305 0.49 10.22 -13.63
CA LEU A 305 1.93 10.38 -13.52
C LEU A 305 2.42 11.01 -14.82
N GLU A 306 3.57 11.64 -14.71
CA GLU A 306 4.29 12.05 -15.92
C GLU A 306 4.94 10.88 -16.71
N MET A 307 5.19 9.71 -16.08
CA MET A 307 5.64 8.54 -16.83
C MET A 307 4.44 7.82 -17.42
N PRO A 308 4.34 7.66 -18.78
CA PRO A 308 3.14 7.02 -19.31
C PRO A 308 2.97 5.60 -18.78
N GLN A 309 1.76 5.25 -18.34
CA GLN A 309 1.47 3.94 -17.80
C GLN A 309 -0.03 3.70 -17.75
N PRO A 310 -0.47 2.43 -17.88
CA PRO A 310 -1.88 2.17 -18.21
C PRO A 310 -2.78 1.71 -17.05
N LEU A 311 -2.21 1.48 -15.87
CA LEU A 311 -2.97 0.85 -14.77
C LEU A 311 -3.77 1.86 -13.98
N TRP A 312 -4.91 1.41 -13.47
CA TRP A 312 -5.52 2.07 -12.34
C TRP A 312 -4.88 1.50 -11.07
N ILE A 313 -4.19 2.36 -10.34
CA ILE A 313 -3.46 2.00 -9.15
C ILE A 313 -4.34 2.47 -7.99
N LEU A 314 -4.98 1.50 -7.34
CA LEU A 314 -5.91 1.77 -6.24
C LEU A 314 -5.20 1.78 -4.91
N GLY A 315 -4.93 2.98 -4.43
CA GLY A 315 -4.23 3.25 -3.21
C GLY A 315 -5.19 3.50 -2.08
N ASP A 316 -4.71 4.17 -1.04
CA ASP A 316 -5.43 4.33 0.23
C ASP A 316 -6.83 4.95 0.08
N VAL A 317 -6.98 5.86 -0.87
CA VAL A 317 -8.30 6.43 -1.20
C VAL A 317 -9.40 5.38 -1.46
N PHE A 318 -9.04 4.30 -2.17
CA PHE A 318 -9.92 3.20 -2.46
C PHE A 318 -9.94 2.16 -1.36
N LEU A 319 -8.77 1.86 -0.76
CA LEU A 319 -8.65 0.76 0.21
C LEU A 319 -9.13 1.07 1.62
N GLY A 320 -9.44 2.34 1.89
CA GLY A 320 -10.15 2.68 3.12
C GLY A 320 -11.63 2.31 3.07
N PRO A 321 -12.37 2.86 2.11
CA PRO A 321 -13.81 2.51 2.03
C PRO A 321 -14.08 1.09 1.64
N TYR A 322 -13.07 0.36 1.08
CA TYR A 322 -13.26 -1.05 0.75
C TYR A 322 -12.18 -1.88 1.39
N TYR A 323 -12.56 -2.61 2.44
CA TYR A 323 -11.78 -3.65 3.11
C TYR A 323 -11.36 -4.67 2.06
N THR A 324 -10.08 -5.06 2.12
CA THR A 324 -9.48 -5.84 1.03
C THR A 324 -8.83 -7.11 1.56
N ILE A 325 -9.09 -8.22 0.87
CA ILE A 325 -8.58 -9.52 1.20
C ILE A 325 -7.62 -9.90 0.07
N PHE A 326 -6.37 -10.17 0.44
CA PHE A 326 -5.35 -10.62 -0.50
C PHE A 326 -5.12 -12.13 -0.26
N ASP A 327 -5.49 -12.95 -1.22
CA ASP A 327 -5.61 -14.42 -1.04
C ASP A 327 -4.62 -15.16 -1.93
N ARG A 328 -3.56 -15.67 -1.31
CA ARG A 328 -2.53 -16.45 -2.02
C ARG A 328 -2.91 -17.92 -2.30
N ASP A 329 -3.83 -18.50 -1.50
CA ASP A 329 -4.34 -19.88 -1.76
C ASP A 329 -5.05 -20.00 -3.06
N GLN A 330 -5.94 -19.04 -3.30
CA GLN A 330 -6.74 -19.00 -4.50
C GLN A 330 -6.33 -17.89 -5.50
N ASP A 331 -5.32 -17.08 -5.20
CA ASP A 331 -4.85 -16.03 -6.15
C ASP A 331 -5.99 -15.11 -6.59
N ARG A 332 -6.56 -14.45 -5.61
CA ARG A 332 -7.73 -13.61 -5.82
C ARG A 332 -7.70 -12.46 -4.81
N VAL A 333 -8.36 -11.36 -5.19
CA VAL A 333 -8.52 -10.20 -4.35
C VAL A 333 -10.01 -10.08 -4.01
N GLY A 334 -10.30 -9.78 -2.75
CA GLY A 334 -11.66 -9.56 -2.32
C GLY A 334 -11.89 -8.16 -1.81
N PHE A 335 -13.05 -7.56 -2.16
CA PHE A 335 -13.44 -6.21 -1.69
C PHE A 335 -14.82 -6.29 -1.01
N ALA A 336 -14.96 -5.58 0.08
CA ALA A 336 -16.23 -5.42 0.74
C ALA A 336 -16.32 -4.05 1.36
N GLU A 337 -17.54 -3.53 1.37
CA GLU A 337 -17.79 -2.26 2.03
C GLU A 337 -17.33 -2.25 3.46
N VAL A 338 -16.55 -1.21 3.82
CA VAL A 338 -15.95 -1.11 5.15
C VAL A 338 -17.05 -0.90 6.19
N ALA A 339 -16.80 -1.34 7.42
CA ALA A 339 -17.78 -1.25 8.52
C ALA A 339 -17.41 -0.21 9.62
S SO4 B . 12.06 -15.33 20.24
O1 SO4 B . 11.22 -14.37 21.00
O2 SO4 B . 11.53 -16.71 20.40
O3 SO4 B . 12.00 -14.95 18.82
O4 SO4 B . 13.47 -15.22 20.72
C1 PEG C . 3.53 1.27 -10.26
O1 PEG C . 2.79 0.76 -11.36
C2 PEG C . 2.99 0.66 -8.97
O2 PEG C . 3.34 1.47 -7.84
C3 PEG C . 2.45 2.58 -7.65
C4 PEG C . 2.96 3.67 -6.72
O4 PEG C . 2.60 4.97 -7.25
#